data_7XHY
#
_entry.id   7XHY
#
_cell.length_a   92.127
_cell.length_b   92.533
_cell.length_c   71.435
_cell.angle_alpha   90.000
_cell.angle_beta   90.000
_cell.angle_gamma   90.000
#
_symmetry.space_group_name_H-M   'C 2 2 21'
#
loop_
_entity.id
_entity.type
_entity.pdbx_description
1 polymer 'Tyrosine-protein kinase Mer'
2 non-polymer ~{N}-[4-(2-azanyl-3-chloranyl-pyridin-4-yl)oxy-3-fluoranyl-phenyl]-5-(4-fluorophenyl)-4-oxidanylidene-1~{H}-pyridine-3-carboxamide
3 non-polymer 'CHLORIDE ION'
4 non-polymer 'DIMETHYL SULFOXIDE'
5 water water
#
_entity_poly.entity_id   1
_entity_poly.type   'polypeptide(L)'
_entity_poly.pdbx_seq_one_letter_code
;GSHMEELQNKLEDVVIDRNLLILGRILGEGEFGSVMEGNLKQEDGTSLKVAVKTMKLDNSSQREIEEFLSEAACMKDFSH
PNVIRLLGVCIEMSSQGIPKPMVILPFMKYGDLHTYLLYSRLETGPRHIPLQTLLRFMVDIALGMEYLSNRNFLHRDLAA
RNCMLRDDMTVCVADFGLSKKIYSGDYYRQGRIAKMPVKWIAIESLADRVYTSKSDVWAFGVTMWEIATRGMTPYPGVQN
HEMYDYLLHGHRLKQPEDCLDELYEIMYSCWRTDPLDRPTFSVLRLQLERLLESLPDV
;
_entity_poly.pdbx_strand_id   A
#
loop_
_chem_comp.id
_chem_comp.type
_chem_comp.name
_chem_comp.formula
CL non-polymer 'CHLORIDE ION' 'Cl -1'
DMS non-polymer 'DIMETHYL SULFOXIDE' 'C2 H6 O S'
E0X non-polymer ~{N}-[4-(2-azanyl-3-chloranyl-pyridin-4-yl)oxy-3-fluoranyl-phenyl]-5-(4-fluorophenyl)-4-oxidanylidene-1~{H}-pyridine-3-carboxamide 'C23 H15 Cl F2 N4 O3'
#
# COMPACT_ATOMS: atom_id res chain seq x y z
N SER A 2 2.87 -28.95 -7.81
CA SER A 2 2.68 -28.45 -9.17
C SER A 2 1.88 -27.14 -9.12
N HIS A 3 1.83 -26.42 -10.25
CA HIS A 3 1.23 -25.10 -10.26
C HIS A 3 -0.22 -25.15 -9.83
N MET A 4 -0.96 -26.16 -10.33
CA MET A 4 -2.34 -26.36 -9.88
C MET A 4 -2.40 -26.77 -8.42
N GLU A 5 -1.41 -27.53 -7.95
CA GLU A 5 -1.41 -27.95 -6.55
C GLU A 5 -1.23 -26.75 -5.63
N GLU A 6 -0.23 -25.93 -5.89
CA GLU A 6 0.00 -24.75 -5.04
C GLU A 6 -1.20 -23.83 -5.06
N LEU A 7 -1.82 -23.63 -6.23
CA LEU A 7 -3.01 -22.78 -6.30
C LEU A 7 -4.17 -23.38 -5.53
N GLN A 8 -4.37 -24.70 -5.63
CA GLN A 8 -5.48 -25.29 -4.90
C GLN A 8 -5.23 -25.26 -3.40
N ASN A 9 -3.97 -25.36 -2.98
CA ASN A 9 -3.67 -25.28 -1.54
C ASN A 9 -4.00 -23.89 -1.01
N LYS A 10 -3.50 -22.84 -1.67
CA LYS A 10 -3.82 -21.47 -1.28
C LYS A 10 -5.34 -21.25 -1.23
N LEU A 11 -6.04 -21.68 -2.28
CA LEU A 11 -7.49 -21.54 -2.30
C LEU A 11 -8.14 -22.18 -1.08
N GLU A 12 -7.56 -23.29 -0.60
CA GLU A 12 -8.23 -24.10 0.41
C GLU A 12 -8.40 -23.35 1.73
N ASP A 13 -7.41 -22.55 2.11
CA ASP A 13 -7.42 -21.94 3.43
C ASP A 13 -7.63 -20.43 3.38
N VAL A 14 -8.12 -19.91 2.26
CA VAL A 14 -8.40 -18.48 2.20
C VAL A 14 -9.78 -18.17 2.74
N VAL A 15 -10.70 -19.14 2.72
CA VAL A 15 -12.10 -18.88 3.00
C VAL A 15 -12.35 -18.92 4.51
N ILE A 16 -13.10 -17.93 5.01
CA ILE A 16 -13.52 -17.89 6.40
C ILE A 16 -15.01 -18.12 6.47
N ASP A 17 -15.43 -19.11 7.28
CA ASP A 17 -16.83 -19.24 7.68
C ASP A 17 -17.43 -17.96 8.21
N ARG A 18 -18.54 -17.57 7.60
CA ARG A 18 -19.25 -16.36 7.96
C ARG A 18 -19.69 -16.36 9.42
N ASN A 19 -19.88 -17.55 10.01
CA ASN A 19 -20.33 -17.57 11.40
C ASN A 19 -19.21 -17.29 12.38
N LEU A 20 -17.95 -17.26 11.93
CA LEU A 20 -16.85 -16.89 12.81
C LEU A 20 -16.66 -15.38 12.88
N LEU A 21 -17.50 -14.63 12.19
CA LEU A 21 -17.32 -13.19 12.02
C LEU A 21 -18.60 -12.48 12.42
N ILE A 22 -18.44 -11.34 13.10
CA ILE A 22 -19.55 -10.42 13.35
C ILE A 22 -19.12 -9.04 12.90
N LEU A 23 -19.98 -8.37 12.13
CA LEU A 23 -19.66 -7.05 11.58
C LEU A 23 -20.08 -5.94 12.53
N GLY A 24 -19.30 -4.87 12.54
CA GLY A 24 -19.59 -3.74 13.41
C GLY A 24 -19.89 -2.48 12.63
N ARG A 25 -19.44 -1.32 13.13
CA ARG A 25 -19.76 -0.04 12.51
C ARG A 25 -18.90 0.26 11.28
N ILE A 26 -19.47 1.04 10.35
CA ILE A 26 -18.71 1.67 9.27
C ILE A 26 -17.52 2.45 9.79
N LEU A 27 -16.36 2.14 9.22
CA LEU A 27 -15.20 3.01 9.31
C LEU A 27 -15.09 3.91 8.07
N GLY A 28 -15.63 3.48 6.93
CA GLY A 28 -15.50 4.22 5.69
C GLY A 28 -16.39 3.65 4.62
N GLU A 29 -16.75 4.51 3.68
CA GLU A 29 -17.75 4.17 2.67
C GLU A 29 -17.59 5.00 1.38
N PHE A 32 -18.32 1.84 -4.64
CA PHE A 32 -17.15 0.96 -4.67
C PHE A 32 -17.21 -0.13 -3.57
N GLY A 33 -17.32 0.30 -2.32
CA GLY A 33 -17.32 -0.63 -1.21
C GLY A 33 -17.34 0.11 0.11
N SER A 34 -17.19 -0.65 1.20
CA SER A 34 -17.11 -0.05 2.52
C SER A 34 -16.15 -0.83 3.39
N VAL A 35 -15.69 -0.19 4.46
CA VAL A 35 -14.82 -0.82 5.45
C VAL A 35 -15.51 -0.76 6.80
N MET A 36 -15.59 -1.91 7.46
CA MET A 36 -16.21 -2.08 8.76
C MET A 36 -15.23 -2.66 9.77
N GLU A 37 -15.42 -2.28 11.02
CA GLU A 37 -14.77 -2.95 12.12
C GLU A 37 -15.53 -4.24 12.42
N GLY A 38 -14.81 -5.26 12.90
CA GLY A 38 -15.43 -6.55 13.10
C GLY A 38 -14.67 -7.40 14.09
N ASN A 39 -15.24 -8.59 14.39
CA ASN A 39 -14.64 -9.58 15.28
C ASN A 39 -14.48 -10.91 14.55
N LEU A 40 -13.35 -11.58 14.78
CA LEU A 40 -13.08 -12.86 14.15
C LEU A 40 -12.74 -13.89 15.22
N LYS A 41 -13.54 -14.94 15.31
CA LYS A 41 -13.19 -16.04 16.21
C LYS A 41 -12.06 -16.85 15.64
N GLN A 42 -10.93 -16.89 16.35
CA GLN A 42 -9.79 -17.68 15.92
C GLN A 42 -9.97 -19.13 16.40
N GLU A 43 -9.02 -20.00 16.04
CA GLU A 43 -9.18 -21.42 16.34
C GLU A 43 -8.96 -21.70 17.82
N ASP A 44 -8.19 -20.85 18.50
CA ASP A 44 -7.91 -21.04 19.92
C ASP A 44 -9.05 -20.59 20.82
N GLY A 45 -10.23 -20.31 20.27
CA GLY A 45 -11.40 -19.97 21.06
C GLY A 45 -11.60 -18.49 21.34
N THR A 46 -10.59 -17.65 21.17
CA THR A 46 -10.74 -16.22 21.42
C THR A 46 -10.97 -15.46 20.12
N SER A 47 -11.52 -14.26 20.26
CA SER A 47 -11.86 -13.44 19.10
C SER A 47 -10.79 -12.39 18.87
N LEU A 48 -10.73 -11.89 17.64
CA LEU A 48 -9.71 -10.93 17.23
C LEU A 48 -10.38 -9.77 16.54
N LYS A 49 -9.96 -8.55 16.87
CA LYS A 49 -10.45 -7.36 16.20
C LYS A 49 -9.94 -7.29 14.77
N VAL A 50 -10.85 -7.15 13.80
CA VAL A 50 -10.45 -7.13 12.40
C VAL A 50 -11.11 -5.98 11.66
N ALA A 51 -10.58 -5.69 10.49
CA ALA A 51 -11.26 -4.83 9.54
C ALA A 51 -11.85 -5.67 8.42
N VAL A 52 -13.04 -5.31 7.96
CA VAL A 52 -13.76 -6.06 6.95
C VAL A 52 -14.07 -5.13 5.78
N LYS A 53 -13.67 -5.52 4.58
CA LYS A 53 -13.93 -4.71 3.38
C LYS A 53 -14.94 -5.44 2.50
N THR A 54 -16.01 -4.74 2.14
CA THR A 54 -17.12 -5.31 1.38
C THR A 54 -17.25 -4.62 0.03
N MET A 55 -17.54 -5.40 -1.01
CA MET A 55 -17.75 -4.84 -2.35
C MET A 55 -19.06 -5.34 -2.96
N LYS A 56 -19.22 -5.15 -4.27
CA LYS A 56 -20.47 -5.44 -4.97
C LYS A 56 -20.31 -6.55 -6.00
N GLN A 62 -19.39 -14.37 -11.79
CA GLN A 62 -18.81 -15.53 -11.12
C GLN A 62 -17.37 -15.71 -11.56
N ARG A 63 -17.09 -15.31 -12.81
CA ARG A 63 -15.71 -15.31 -13.29
C ARG A 63 -14.90 -14.19 -12.64
N GLU A 64 -15.56 -13.10 -12.27
CA GLU A 64 -14.91 -12.06 -11.48
C GLU A 64 -14.76 -12.50 -10.04
N ILE A 65 -15.62 -13.40 -9.59
CA ILE A 65 -15.61 -13.80 -8.19
C ILE A 65 -14.50 -14.80 -7.92
N GLU A 66 -14.25 -15.69 -8.87
CA GLU A 66 -13.10 -16.55 -8.74
C GLU A 66 -11.81 -15.75 -8.82
N GLU A 67 -11.84 -14.65 -9.58
CA GLU A 67 -10.68 -13.77 -9.67
C GLU A 67 -10.40 -13.12 -8.32
N PHE A 68 -11.45 -12.61 -7.66
CA PHE A 68 -11.31 -12.07 -6.33
C PHE A 68 -10.82 -13.12 -5.34
N LEU A 69 -11.29 -14.36 -5.47
CA LEU A 69 -10.87 -15.39 -4.53
C LEU A 69 -9.43 -15.80 -4.77
N SER A 70 -9.03 -15.99 -6.03
CA SER A 70 -7.68 -16.48 -6.26
C SER A 70 -6.64 -15.40 -5.94
N GLU A 71 -6.97 -14.14 -6.21
CA GLU A 71 -6.04 -13.06 -5.87
C GLU A 71 -5.96 -12.85 -4.37
N ALA A 72 -7.08 -13.00 -3.67
CA ALA A 72 -7.05 -13.00 -2.21
C ALA A 72 -6.19 -14.15 -1.68
N ALA A 73 -6.38 -15.37 -2.22
CA ALA A 73 -5.59 -16.51 -1.79
C ALA A 73 -4.09 -16.27 -2.03
N CYS A 74 -3.74 -15.61 -3.14
CA CYS A 74 -2.35 -15.33 -3.38
C CYS A 74 -1.79 -14.33 -2.36
N MET A 75 -2.54 -13.27 -2.04
CA MET A 75 -2.05 -12.29 -1.07
C MET A 75 -1.91 -12.89 0.32
N LYS A 76 -2.90 -13.69 0.74
CA LYS A 76 -2.86 -14.32 2.06
C LYS A 76 -1.64 -15.23 2.19
N ASP A 77 -1.25 -15.89 1.10
CA ASP A 77 -0.10 -16.77 1.15
C ASP A 77 1.20 -15.98 1.28
N PHE A 78 1.24 -14.75 0.74
CA PHE A 78 2.38 -13.90 1.02
C PHE A 78 2.54 -13.72 2.52
N SER A 79 3.78 -13.66 2.98
CA SER A 79 4.05 -13.46 4.40
C SER A 79 5.35 -12.70 4.53
N HIS A 80 5.27 -11.50 5.09
CA HIS A 80 6.36 -10.58 5.31
C HIS A 80 5.83 -9.50 6.26
N PRO A 81 6.63 -9.00 7.19
CA PRO A 81 6.06 -8.08 8.21
C PRO A 81 5.68 -6.71 7.64
N ASN A 82 6.19 -6.33 6.45
CA ASN A 82 5.86 -5.04 5.84
C ASN A 82 4.89 -5.20 4.68
N VAL A 83 4.17 -6.31 4.65
CA VAL A 83 3.08 -6.52 3.73
C VAL A 83 1.87 -6.86 4.58
N ILE A 84 0.74 -6.19 4.36
CA ILE A 84 -0.41 -6.43 5.22
C ILE A 84 -0.84 -7.89 5.13
N ARG A 85 -1.16 -8.49 6.27
CA ARG A 85 -1.53 -9.89 6.24
C ARG A 85 -3.04 -10.00 6.03
N LEU A 86 -3.43 -10.69 4.97
CA LEU A 86 -4.82 -10.89 4.61
C LEU A 86 -5.31 -12.16 5.31
N LEU A 87 -6.18 -12.01 6.29
CA LEU A 87 -6.56 -13.16 7.11
C LEU A 87 -7.48 -14.10 6.36
N GLY A 88 -8.32 -13.58 5.49
CA GLY A 88 -9.21 -14.45 4.75
C GLY A 88 -10.28 -13.64 4.05
N VAL A 89 -11.21 -14.36 3.44
CA VAL A 89 -12.29 -13.74 2.69
C VAL A 89 -13.57 -14.50 2.98
N CYS A 90 -14.68 -13.85 2.69
CA CYS A 90 -16.02 -14.35 2.96
C CYS A 90 -16.92 -13.85 1.84
N ILE A 91 -17.74 -14.72 1.29
CA ILE A 91 -18.61 -14.38 0.16
C ILE A 91 -20.05 -14.39 0.64
N GLU A 92 -20.66 -13.21 0.75
CA GLU A 92 -22.10 -13.12 1.01
C GLU A 92 -22.87 -12.97 -0.31
N MET A 93 -24.19 -13.17 -0.20
CA MET A 93 -25.12 -12.96 -1.30
C MET A 93 -26.11 -11.87 -0.92
N SER A 94 -26.32 -10.92 -1.82
CA SER A 94 -27.32 -9.89 -1.61
C SER A 94 -28.68 -10.39 -2.07
N SER A 95 -29.73 -9.76 -1.51
CA SER A 95 -31.11 -10.11 -1.85
C SER A 95 -31.32 -10.12 -3.36
N GLN A 96 -30.90 -9.04 -4.03
CA GLN A 96 -31.05 -8.97 -5.48
C GLN A 96 -30.13 -9.98 -6.22
N GLY A 97 -29.53 -10.95 -5.53
CA GLY A 97 -28.71 -11.93 -6.19
C GLY A 97 -27.34 -11.45 -6.62
N ILE A 98 -26.79 -10.45 -5.93
CA ILE A 98 -25.46 -9.92 -6.21
C ILE A 98 -24.52 -10.42 -5.12
N PRO A 99 -23.44 -11.11 -5.46
CA PRO A 99 -22.49 -11.56 -4.41
C PRO A 99 -21.86 -10.37 -3.71
N LYS A 100 -21.51 -10.56 -2.44
CA LYS A 100 -20.91 -9.52 -1.61
C LYS A 100 -19.57 -10.03 -1.07
N PRO A 101 -18.49 -9.86 -1.83
CA PRO A 101 -17.19 -10.37 -1.38
C PRO A 101 -16.64 -9.53 -0.25
N MET A 102 -16.08 -10.20 0.76
CA MET A 102 -15.54 -9.54 1.93
C MET A 102 -14.11 -9.98 2.18
N VAL A 103 -13.27 -9.04 2.59
CA VAL A 103 -11.87 -9.31 2.91
C VAL A 103 -11.64 -8.98 4.38
N ILE A 104 -10.96 -9.87 5.08
CA ILE A 104 -10.68 -9.73 6.51
C ILE A 104 -9.20 -9.44 6.70
N LEU A 105 -8.89 -8.39 7.45
CA LEU A 105 -7.53 -7.99 7.78
C LEU A 105 -7.48 -7.66 9.27
N PRO A 106 -6.29 -7.64 9.88
CA PRO A 106 -6.22 -7.17 11.27
C PRO A 106 -6.61 -5.71 11.39
N PHE A 107 -7.38 -5.38 12.44
CA PHE A 107 -7.73 -3.99 12.68
C PHE A 107 -6.49 -3.23 13.15
N MET A 108 -6.19 -2.13 12.47
CA MET A 108 -5.07 -1.26 12.82
C MET A 108 -5.61 0.13 13.21
N LYS A 109 -5.60 0.40 14.52
CA LYS A 109 -6.20 1.60 15.07
C LYS A 109 -5.51 2.87 14.63
N TYR A 110 -4.27 2.81 14.12
CA TYR A 110 -3.65 4.02 13.62
C TYR A 110 -4.04 4.34 12.17
N GLY A 111 -4.75 3.44 11.48
CA GLY A 111 -5.23 3.74 10.15
C GLY A 111 -4.12 3.80 9.11
N ASP A 112 -4.44 4.46 7.99
CA ASP A 112 -3.53 4.54 6.86
C ASP A 112 -2.48 5.62 7.08
N LEU A 113 -1.36 5.47 6.39
CA LEU A 113 -0.22 6.35 6.60
C LEU A 113 -0.55 7.78 6.20
N HIS A 114 -1.31 7.97 5.10
CA HIS A 114 -1.57 9.32 4.64
C HIS A 114 -2.36 10.12 5.68
N THR A 115 -3.44 9.55 6.21
CA THR A 115 -4.22 10.29 7.20
C THR A 115 -3.42 10.55 8.46
N TYR A 116 -2.53 9.63 8.80
CA TYR A 116 -1.72 9.81 10.00
C TYR A 116 -0.76 10.98 9.85
N LEU A 117 -0.13 11.11 8.67
CA LEU A 117 0.79 12.22 8.45
C LEU A 117 0.06 13.56 8.56
N LEU A 118 -1.13 13.66 7.96
CA LEU A 118 -1.94 14.86 8.12
C LEU A 118 -2.25 15.12 9.59
N TYR A 119 -2.78 14.11 10.29
CA TYR A 119 -3.15 14.27 11.70
C TYR A 119 -1.99 14.81 12.52
N SER A 120 -0.78 14.33 12.23
CA SER A 120 0.39 14.73 12.99
C SER A 120 0.64 16.23 12.91
N ARG A 121 0.13 16.90 11.88
CA ARG A 121 0.24 18.35 11.79
C ARG A 121 -0.91 19.08 12.49
N LEU A 122 -1.66 18.39 13.33
CA LEU A 122 -2.66 19.01 14.20
C LEU A 122 -2.25 18.73 15.63
N GLU A 123 -2.46 19.69 16.52
CA GLU A 123 -2.02 19.50 17.91
C GLU A 123 -2.57 18.24 18.53
N THR A 124 -3.87 18.00 18.36
CA THR A 124 -4.45 16.87 19.05
C THR A 124 -4.02 15.54 18.43
N GLY A 125 -3.57 15.57 17.18
CA GLY A 125 -3.25 14.37 16.48
C GLY A 125 -1.95 13.81 16.98
N PRO A 126 -1.44 12.79 16.28
CA PRO A 126 -0.11 12.27 16.59
C PRO A 126 0.88 13.40 16.73
N ARG A 127 1.86 13.18 17.58
CA ARG A 127 2.92 14.13 17.79
C ARG A 127 3.62 14.42 16.47
N HIS A 128 4.30 15.57 16.41
CA HIS A 128 5.19 15.84 15.30
C HIS A 128 6.10 14.64 15.03
N ILE A 129 6.28 14.29 13.77
CA ILE A 129 6.98 13.06 13.40
C ILE A 129 8.42 13.44 13.04
N PRO A 130 9.41 13.05 13.83
CA PRO A 130 10.80 13.36 13.50
C PRO A 130 11.25 12.76 12.18
N LEU A 131 12.25 13.39 11.55
CA LEU A 131 12.87 12.85 10.35
C LEU A 131 13.20 11.37 10.47
N GLN A 132 13.79 10.96 11.60
CA GLN A 132 14.19 9.57 11.77
C GLN A 132 13.01 8.62 11.57
N THR A 133 11.86 8.96 12.15
CA THR A 133 10.67 8.14 11.96
C THR A 133 10.16 8.20 10.53
N LEU A 134 10.23 9.39 9.91
CA LEU A 134 9.75 9.51 8.54
C LEU A 134 10.57 8.66 7.60
N LEU A 135 11.85 8.47 7.90
CA LEU A 135 12.68 7.67 7.00
C LEU A 135 12.47 6.19 7.32
N ARG A 136 12.22 5.89 8.60
CA ARG A 136 11.87 4.54 9.00
C ARG A 136 10.54 4.11 8.37
N PHE A 137 9.64 5.07 8.08
CA PHE A 137 8.45 4.74 7.31
C PHE A 137 8.82 4.31 5.91
N MET A 138 9.77 5.03 5.27
CA MET A 138 10.18 4.67 3.93
C MET A 138 10.89 3.33 3.88
N VAL A 139 11.76 3.05 4.87
CA VAL A 139 12.45 1.76 4.90
C VAL A 139 11.43 0.63 4.94
N ASP A 140 10.46 0.74 5.85
CA ASP A 140 9.43 -0.29 5.99
C ASP A 140 8.73 -0.54 4.67
N ILE A 141 8.29 0.52 4.00
CA ILE A 141 7.59 0.37 2.73
C ILE A 141 8.51 -0.28 1.69
N ALA A 142 9.79 0.12 1.69
CA ALA A 142 10.70 -0.44 0.71
C ALA A 142 10.92 -1.91 0.97
N LEU A 143 10.83 -2.32 2.24
CA LEU A 143 11.01 -3.73 2.58
C LEU A 143 9.84 -4.56 2.06
N GLY A 144 8.60 -4.12 2.31
CA GLY A 144 7.47 -4.83 1.77
C GLY A 144 7.49 -4.92 0.25
N MET A 145 7.89 -3.82 -0.39
CA MET A 145 7.94 -3.79 -1.85
C MET A 145 9.10 -4.61 -2.39
N GLU A 146 10.22 -4.65 -1.68
CA GLU A 146 11.30 -5.58 -2.05
C GLU A 146 10.80 -7.02 -2.05
N TYR A 147 10.17 -7.45 -0.96
CA TYR A 147 9.61 -8.80 -0.88
C TYR A 147 8.63 -9.06 -2.02
N LEU A 148 7.75 -8.09 -2.29
CA LEU A 148 6.73 -8.30 -3.31
C LEU A 148 7.36 -8.39 -4.71
N SER A 149 8.27 -7.46 -5.03
CA SER A 149 8.81 -7.42 -6.38
C SER A 149 9.72 -8.62 -6.67
N ASN A 150 10.47 -9.12 -5.67
CA ASN A 150 11.21 -10.36 -5.81
C ASN A 150 10.30 -11.54 -6.17
N ARG A 151 8.99 -11.38 -6.00
CA ARG A 151 8.00 -12.35 -6.41
C ARG A 151 7.30 -11.95 -7.69
N ASN A 152 7.77 -10.90 -8.38
CA ASN A 152 7.09 -10.47 -9.60
C ASN A 152 5.64 -10.09 -9.35
N PHE A 153 5.35 -9.70 -8.12
CA PHE A 153 4.08 -9.05 -7.82
C PHE A 153 4.18 -7.58 -8.18
N LEU A 154 3.20 -7.09 -8.94
CA LEU A 154 3.10 -5.68 -9.31
C LEU A 154 1.98 -5.02 -8.51
N HIS A 155 2.31 -3.97 -7.76
CA HIS A 155 1.31 -3.34 -6.91
C HIS A 155 0.32 -2.55 -7.73
N ARG A 156 0.82 -1.58 -8.50
CA ARG A 156 0.12 -0.73 -9.45
C ARG A 156 -0.65 0.43 -8.81
N ASP A 157 -0.78 0.50 -7.48
CA ASP A 157 -1.37 1.70 -6.89
C ASP A 157 -0.64 2.07 -5.62
N LEU A 158 0.68 2.04 -5.63
CA LEU A 158 1.41 2.41 -4.42
C LEU A 158 1.26 3.92 -4.17
N ALA A 159 1.03 4.27 -2.91
CA ALA A 159 0.76 5.62 -2.40
C ALA A 159 0.62 5.51 -0.89
N ALA A 160 0.85 6.62 -0.19
CA ALA A 160 0.75 6.60 1.26
C ALA A 160 -0.64 6.24 1.74
N ARG A 161 -1.68 6.58 0.97
CA ARG A 161 -3.05 6.22 1.36
C ARG A 161 -3.23 4.72 1.49
N ASN A 162 -2.42 3.93 0.77
CA ASN A 162 -2.49 2.48 0.75
C ASN A 162 -1.46 1.81 1.66
N CYS A 163 -0.79 2.56 2.51
CA CYS A 163 0.10 1.97 3.52
C CYS A 163 -0.55 2.10 4.88
N MET A 164 -0.44 1.05 5.68
CA MET A 164 -1.14 0.97 6.95
C MET A 164 -0.15 0.97 8.11
N LEU A 165 -0.55 1.60 9.20
CA LEU A 165 0.25 1.70 10.42
C LEU A 165 -0.19 0.65 11.43
N ARG A 166 0.73 -0.23 11.81
CA ARG A 166 0.46 -1.24 12.82
C ARG A 166 0.72 -0.67 14.22
N ASP A 167 0.22 -1.40 15.23
CA ASP A 167 0.21 -0.89 16.61
C ASP A 167 1.61 -0.51 17.08
N ASP A 168 2.65 -1.21 16.58
CA ASP A 168 4.02 -0.92 16.97
C ASP A 168 4.71 0.08 16.03
N MET A 169 3.94 0.81 15.21
CA MET A 169 4.37 1.83 14.24
C MET A 169 5.12 1.26 13.04
N THR A 170 5.16 -0.06 12.87
CA THR A 170 5.61 -0.66 11.61
C THR A 170 4.63 -0.30 10.50
N VAL A 171 5.18 0.05 9.31
CA VAL A 171 4.32 0.29 8.14
C VAL A 171 4.23 -1.00 7.34
N CYS A 172 3.07 -1.27 6.76
CA CYS A 172 2.94 -2.42 5.87
C CYS A 172 2.17 -2.01 4.63
N VAL A 173 2.53 -2.62 3.52
CA VAL A 173 1.96 -2.26 2.23
C VAL A 173 0.65 -3.00 2.04
N ALA A 174 -0.35 -2.29 1.52
CA ALA A 174 -1.70 -2.79 1.35
C ALA A 174 -2.29 -2.19 0.09
N ASP A 175 -3.58 -2.44 -0.16
CA ASP A 175 -4.28 -1.81 -1.27
C ASP A 175 -5.77 -1.83 -0.97
N PHE A 176 -6.34 -0.68 -0.64
CA PHE A 176 -7.77 -0.65 -0.37
C PHE A 176 -8.59 -1.14 -1.56
N GLY A 177 -8.04 -1.06 -2.77
CA GLY A 177 -8.79 -1.42 -3.97
C GLY A 177 -10.17 -0.80 -4.05
N LEU A 178 -10.24 0.53 -3.98
CA LEU A 178 -11.53 1.23 -4.01
C LEU A 178 -11.48 2.45 -4.93
N PRO A 197 -5.43 9.07 -9.97
CA PRO A 197 -4.12 8.82 -9.36
C PRO A 197 -2.99 9.07 -10.36
N VAL A 198 -3.24 9.96 -11.32
CA VAL A 198 -2.29 10.22 -12.40
C VAL A 198 -0.93 10.60 -11.84
N LYS A 199 -0.90 11.31 -10.71
CA LYS A 199 0.32 11.90 -10.19
C LYS A 199 1.25 10.88 -9.55
N TRP A 200 0.85 9.61 -9.49
CA TRP A 200 1.70 8.54 -8.99
C TRP A 200 2.20 7.63 -10.11
N ILE A 201 1.72 7.82 -11.32
CA ILE A 201 1.92 6.86 -12.40
C ILE A 201 3.16 7.23 -13.19
N ALA A 202 4.02 6.25 -13.43
CA ALA A 202 5.29 6.51 -14.11
C ALA A 202 5.06 7.07 -15.52
N ILE A 203 6.04 7.82 -16.00
CA ILE A 203 5.91 8.49 -17.29
C ILE A 203 5.58 7.49 -18.39
N GLU A 204 6.28 6.36 -18.41
CA GLU A 204 6.06 5.37 -19.46
C GLU A 204 4.66 4.77 -19.37
N SER A 205 4.13 4.59 -18.16
CA SER A 205 2.80 4.01 -18.02
C SER A 205 1.71 4.99 -18.42
N LEU A 206 1.99 6.30 -18.34
CA LEU A 206 1.02 7.29 -18.80
C LEU A 206 0.78 7.15 -20.30
N ALA A 207 1.81 6.77 -21.06
CA ALA A 207 1.70 6.64 -22.50
C ALA A 207 1.42 5.20 -22.91
N ASP A 208 2.43 4.35 -22.83
CA ASP A 208 2.34 2.97 -23.32
C ASP A 208 1.51 2.06 -22.43
N ARG A 209 1.07 2.51 -21.26
CA ARG A 209 0.42 1.68 -20.26
C ARG A 209 1.24 0.43 -19.90
N VAL A 210 2.48 0.36 -20.37
CA VAL A 210 3.39 -0.66 -19.90
C VAL A 210 3.67 -0.45 -18.41
N TYR A 211 3.77 -1.54 -17.66
CA TYR A 211 3.95 -1.46 -16.21
C TYR A 211 4.88 -2.57 -15.73
N THR A 212 5.95 -2.18 -15.03
CA THR A 212 6.95 -3.10 -14.49
C THR A 212 7.16 -2.77 -13.01
N SER A 213 7.98 -3.57 -12.32
CA SER A 213 8.37 -3.13 -10.96
C SER A 213 9.03 -1.78 -10.96
N LYS A 214 9.58 -1.34 -12.09
CA LYS A 214 10.18 -0.01 -12.15
C LYS A 214 9.11 1.08 -12.21
N SER A 215 7.91 0.75 -12.68
CA SER A 215 6.79 1.66 -12.47
C SER A 215 6.41 1.72 -10.99
N ASP A 216 6.37 0.57 -10.31
CA ASP A 216 6.18 0.58 -8.86
C ASP A 216 7.26 1.43 -8.20
N VAL A 217 8.50 1.37 -8.71
CA VAL A 217 9.58 2.15 -8.10
C VAL A 217 9.30 3.64 -8.23
N TRP A 218 8.78 4.06 -9.38
CA TRP A 218 8.33 5.44 -9.54
C TRP A 218 7.31 5.81 -8.48
N ALA A 219 6.26 5.00 -8.33
CA ALA A 219 5.22 5.28 -7.34
C ALA A 219 5.78 5.34 -5.93
N PHE A 220 6.79 4.52 -5.63
CA PHE A 220 7.45 4.58 -4.34
C PHE A 220 8.14 5.92 -4.14
N GLY A 221 8.82 6.41 -5.18
CA GLY A 221 9.42 7.73 -5.10
C GLY A 221 8.41 8.79 -4.73
N VAL A 222 7.24 8.79 -5.38
CA VAL A 222 6.19 9.73 -5.04
C VAL A 222 5.72 9.50 -3.61
N THR A 223 5.59 8.23 -3.19
CA THR A 223 5.14 7.96 -1.83
C THR A 223 6.16 8.50 -0.82
N MET A 224 7.46 8.29 -1.10
CA MET A 224 8.48 8.91 -0.26
C MET A 224 8.27 10.41 -0.16
N TRP A 225 7.87 11.04 -1.27
CA TRP A 225 7.66 12.48 -1.28
C TRP A 225 6.44 12.86 -0.44
N GLU A 226 5.35 12.10 -0.56
CA GLU A 226 4.22 12.31 0.35
C GLU A 226 4.66 12.28 1.81
N ILE A 227 5.49 11.30 2.17
CA ILE A 227 5.88 11.16 3.57
C ILE A 227 6.78 12.31 4.00
N ALA A 228 7.72 12.70 3.13
CA ALA A 228 8.62 13.79 3.44
C ALA A 228 7.90 15.13 3.55
N THR A 229 6.84 15.36 2.78
CA THR A 229 6.01 16.57 2.90
C THR A 229 4.94 16.46 3.96
N ARG A 230 4.89 15.33 4.68
CA ARG A 230 3.88 15.10 5.69
C ARG A 230 2.48 15.24 5.10
N GLY A 231 2.30 14.70 3.89
CA GLY A 231 0.97 14.52 3.33
C GLY A 231 0.53 15.47 2.23
N MET A 232 1.41 16.28 1.67
CA MET A 232 1.02 17.09 0.53
C MET A 232 0.62 16.25 -0.67
N THR A 233 -0.39 16.74 -1.39
CA THR A 233 -0.70 16.22 -2.71
C THR A 233 0.48 16.48 -3.65
N PRO A 234 0.91 15.50 -4.45
CA PRO A 234 2.05 15.71 -5.36
C PRO A 234 1.81 16.80 -6.40
N TYR A 235 2.90 17.45 -6.81
CA TYR A 235 2.90 18.48 -7.85
C TYR A 235 1.85 19.58 -7.61
N PRO A 236 1.99 20.35 -6.52
CA PRO A 236 1.12 21.52 -6.36
C PRO A 236 1.27 22.44 -7.57
N GLY A 237 0.18 23.13 -7.91
CA GLY A 237 0.18 23.99 -9.08
C GLY A 237 0.11 23.31 -10.42
N VAL A 238 0.04 21.97 -10.47
CA VAL A 238 -0.05 21.21 -11.72
C VAL A 238 -1.34 20.42 -11.72
N GLN A 239 -2.20 20.67 -12.70
CA GLN A 239 -3.44 19.93 -12.84
C GLN A 239 -3.17 18.56 -13.47
N ASN A 240 -4.06 17.59 -13.19
CA ASN A 240 -3.85 16.23 -13.68
C ASN A 240 -3.71 16.17 -15.19
N HIS A 241 -4.49 16.98 -15.93
CA HIS A 241 -4.46 16.86 -17.39
C HIS A 241 -3.15 17.36 -17.96
N GLU A 242 -2.47 18.27 -17.27
CA GLU A 242 -1.17 18.80 -17.64
C GLU A 242 -0.03 17.84 -17.33
N MET A 243 -0.34 16.62 -16.84
CA MET A 243 0.63 15.89 -16.03
C MET A 243 1.68 15.18 -16.89
N TYR A 244 1.23 14.55 -17.95
CA TYR A 244 2.17 13.86 -18.82
C TYR A 244 3.07 14.84 -19.54
N ASP A 245 2.51 15.95 -20.02
CA ASP A 245 3.33 16.98 -20.63
C ASP A 245 4.37 17.51 -19.65
N TYR A 246 3.94 17.75 -18.41
CA TYR A 246 4.86 18.23 -17.37
C TYR A 246 6.08 17.33 -17.23
N LEU A 247 5.84 16.01 -17.13
CA LEU A 247 6.95 15.05 -17.06
C LEU A 247 7.69 14.93 -18.38
N LEU A 248 7.00 15.14 -19.51
CA LEU A 248 7.64 14.92 -20.80
C LEU A 248 8.83 15.85 -20.96
N HIS A 249 8.73 17.09 -20.44
CA HIS A 249 9.80 18.07 -20.49
C HIS A 249 10.75 18.00 -19.30
N GLY A 250 10.88 16.81 -18.68
CA GLY A 250 11.91 16.56 -17.68
C GLY A 250 11.66 17.11 -16.30
N HIS A 251 10.54 17.79 -16.05
CA HIS A 251 10.24 18.26 -14.71
C HIS A 251 9.89 17.11 -13.78
N ARG A 252 10.26 17.26 -12.51
CA ARG A 252 9.96 16.29 -11.48
C ARG A 252 9.42 17.02 -10.25
N LEU A 253 8.93 16.22 -9.30
CA LEU A 253 8.59 16.69 -7.97
C LEU A 253 9.76 17.44 -7.36
N LYS A 254 9.44 18.56 -6.70
CA LYS A 254 10.51 19.37 -6.12
C LYS A 254 10.91 18.84 -4.74
N GLN A 255 12.12 19.20 -4.33
CA GLN A 255 12.63 18.81 -3.01
C GLN A 255 11.85 19.47 -1.89
N PRO A 256 11.26 18.71 -0.98
CA PRO A 256 10.60 19.33 0.17
C PRO A 256 11.63 20.02 1.06
N GLU A 257 11.19 21.02 1.82
CA GLU A 257 12.20 21.76 2.57
C GLU A 257 12.50 20.94 3.81
N ASP A 258 13.74 21.03 4.28
CA ASP A 258 14.22 20.16 5.36
C ASP A 258 14.16 18.67 4.99
N CYS A 259 14.11 18.35 3.71
CA CYS A 259 14.40 17.00 3.22
C CYS A 259 15.89 16.93 2.88
N LEU A 260 16.59 15.93 3.44
CA LEU A 260 18.03 15.83 3.24
C LEU A 260 18.33 15.73 1.76
N ASP A 261 19.50 16.25 1.32
CA ASP A 261 19.70 16.15 -0.12
C ASP A 261 19.86 14.69 -0.50
N GLU A 262 20.47 13.89 0.39
CA GLU A 262 20.70 12.48 0.07
C GLU A 262 19.39 11.72 -0.02
N LEU A 263 18.40 12.09 0.81
CA LEU A 263 17.07 11.51 0.67
C LEU A 263 16.41 11.94 -0.63
N TYR A 264 16.62 13.21 -1.05
CA TYR A 264 16.00 13.68 -2.28
C TYR A 264 16.62 13.03 -3.51
N GLU A 265 17.93 12.81 -3.46
CA GLU A 265 18.55 12.11 -4.58
C GLU A 265 18.04 10.69 -4.68
N ILE A 266 17.81 10.04 -3.55
CA ILE A 266 17.25 8.70 -3.59
C ILE A 266 15.87 8.72 -4.24
N MET A 267 15.01 9.65 -3.84
CA MET A 267 13.68 9.67 -4.44
C MET A 267 13.73 10.15 -5.89
N TYR A 268 14.63 11.08 -6.22
CA TYR A 268 14.80 11.49 -7.60
C TYR A 268 15.23 10.32 -8.49
N SER A 269 16.10 9.45 -7.97
CA SER A 269 16.50 8.28 -8.75
C SER A 269 15.28 7.43 -9.15
N CYS A 270 14.19 7.49 -8.37
CA CYS A 270 13.01 6.71 -8.70
C CYS A 270 12.30 7.20 -9.96
N TRP A 271 12.53 8.44 -10.39
CA TRP A 271 11.81 9.00 -11.53
C TRP A 271 12.70 9.23 -12.74
N ARG A 272 13.84 8.55 -12.80
CA ARG A 272 14.62 8.53 -14.03
C ARG A 272 13.71 8.17 -15.20
N THR A 273 13.95 8.83 -16.34
CA THR A 273 13.08 8.63 -17.50
C THR A 273 13.09 7.18 -17.96
N ASP A 274 14.26 6.54 -17.94
CA ASP A 274 14.41 5.18 -18.42
C ASP A 274 14.22 4.25 -17.24
N PRO A 275 13.14 3.47 -17.18
CA PRO A 275 12.95 2.51 -16.08
C PRO A 275 14.17 1.67 -15.80
N LEU A 276 14.95 1.32 -16.82
CA LEU A 276 16.10 0.46 -16.58
C LEU A 276 17.14 1.15 -15.71
N ASP A 277 17.16 2.48 -15.75
CA ASP A 277 18.14 3.22 -14.94
C ASP A 277 17.70 3.39 -13.49
N ARG A 278 16.40 3.23 -13.19
CA ARG A 278 15.91 3.36 -11.82
C ARG A 278 16.42 2.20 -10.97
N PRO A 279 16.74 2.43 -9.70
CA PRO A 279 17.16 1.32 -8.84
C PRO A 279 16.01 0.37 -8.55
N THR A 280 16.36 -0.88 -8.26
CA THR A 280 15.39 -1.83 -7.74
C THR A 280 15.02 -1.47 -6.31
N PHE A 281 13.97 -2.13 -5.79
CA PHE A 281 13.57 -1.91 -4.41
C PHE A 281 14.64 -2.40 -3.46
N SER A 282 15.30 -3.52 -3.79
CA SER A 282 16.37 -4.00 -2.94
C SER A 282 17.47 -2.96 -2.81
N VAL A 283 17.83 -2.32 -3.93
CA VAL A 283 18.84 -1.26 -3.88
C VAL A 283 18.31 -0.06 -3.09
N LEU A 284 17.09 0.38 -3.40
CA LEU A 284 16.50 1.49 -2.65
C LEU A 284 16.50 1.22 -1.16
N ARG A 285 16.03 0.05 -0.77
CA ARG A 285 15.91 -0.26 0.64
C ARG A 285 17.26 -0.10 1.34
N LEU A 286 18.33 -0.66 0.77
CA LEU A 286 19.62 -0.53 1.42
C LEU A 286 20.15 0.89 1.42
N GLN A 287 19.95 1.64 0.33
CA GLN A 287 20.30 3.06 0.39
C GLN A 287 19.59 3.75 1.57
N LEU A 288 18.30 3.46 1.74
CA LEU A 288 17.53 4.12 2.80
C LEU A 288 17.94 3.65 4.18
N GLU A 289 18.19 2.34 4.36
CA GLU A 289 18.70 1.89 5.65
C GLU A 289 20.07 2.49 5.95
N ARG A 290 20.90 2.69 4.92
CA ARG A 290 22.18 3.35 5.12
C ARG A 290 21.99 4.77 5.60
N LEU A 291 21.17 5.55 4.89
CA LEU A 291 20.90 6.92 5.30
C LEU A 291 20.37 6.98 6.73
N LEU A 292 19.47 6.08 7.10
CA LEU A 292 18.87 6.12 8.42
C LEU A 292 19.90 5.92 9.52
N GLU A 293 20.81 4.97 9.37
CA GLU A 293 21.77 4.77 10.45
C GLU A 293 22.76 5.93 10.57
N SER A 294 23.06 6.60 9.45
CA SER A 294 23.94 7.77 9.49
C SER A 294 23.37 8.92 10.30
N LEU A 295 22.08 8.90 10.60
CA LEU A 295 21.47 10.01 11.30
C LEU A 295 21.89 10.00 12.77
N PRO A 296 22.38 11.12 13.31
CA PRO A 296 22.71 11.27 14.72
C PRO A 296 21.54 10.93 15.63
C10 E0X B . -8.25 -1.75 4.98
C11 E0X B . -6.94 -1.60 4.55
C12 E0X B . -6.46 -2.44 3.57
C13 E0X B . -7.28 -3.41 3.01
C14 E0X B . -8.58 -3.52 3.42
C15 E0X B . -9.08 -2.69 4.41
C17 E0X B . -7.40 -5.21 1.15
C18 E0X B . -6.57 -5.92 0.10
C19 E0X B . -7.16 -6.81 -0.78
C21 E0X B . -5.10 -7.14 -1.86
C22 E0X B . -4.51 -6.23 -0.99
C23 E0X B . -5.25 -5.61 -0.02
C24 E0X B . -3.03 -5.94 -1.17
C26 E0X B . -2.12 -6.14 -0.16
C27 E0X B . -0.78 -5.86 -0.35
C28 E0X B . -0.38 -5.39 -1.61
C29 E0X B . -1.28 -5.19 -2.64
C02 E0X B . -8.05 -0.35 9.48
C03 E0X B . -8.52 -0.21 8.18
C04 E0X B . -8.25 -1.14 7.25
C05 E0X B . -7.53 -2.23 7.59
C06 E0X B . -7.05 -2.37 8.88
C30 E0X B . -2.62 -5.47 -2.41
F31 E0X B . 0.92 -5.12 -1.82
F33 E0X B . -10.36 -2.80 4.82
N01 E0X B . -7.31 -1.43 9.82
N08 E0X B . -8.32 0.65 10.47
N16 E0X B . -6.71 -4.24 1.98
N20 E0X B . -6.42 -7.41 -1.74
O09 E0X B . -8.78 -0.92 5.97
O25 E0X B . -4.74 -4.83 0.73
O32 E0X B . -8.55 -5.40 1.20
CL1 E0X B . -9.50 1.22 7.67
CL CL C . 6.35 19.54 -6.99
CL CL D . 12.27 19.73 -11.31
CL CL E . -2.20 -4.28 14.69
CL CL F . -12.70 -13.37 23.03
S DMS G . -9.52 4.25 11.54
O DMS G . -9.50 3.44 10.29
C1 DMS G . -7.95 4.04 12.40
C2 DMS G . -10.65 3.50 12.76
#